data_3HO2
#
_entry.id   3HO2
#
_cell.length_a   76.148
_cell.length_b   76.148
_cell.length_c   145.299
_cell.angle_alpha   90.00
_cell.angle_beta   90.00
_cell.angle_gamma   120.00
#
_symmetry.space_group_name_H-M   'P 31 2 1'
#
loop_
_entity.id
_entity.type
_entity.pdbx_description
1 polymer '3-oxoacyl-[acyl-carrier-protein] synthase 2'
2 non-polymer '2,4-dihydroxy-3-({3-[(2S,4aS,8S,8aR)-8-methyl-3-methylidene-7-oxo-1,3,4,7,8,8a-hexahydro-2H-2,4a-ethanonaphthalen-8-yl]propanoyl}amino)benzoic acid'
3 water water
#
_entity_poly.entity_id   1
_entity_poly.type   'polypeptide(L)'
_entity_poly.pdbx_seq_one_letter_code
;MRGSHHHHHHGSACVSKRRVVVTGLGMLSPVGNTVESTWKALLAGQSGISLIDHFDTSAYATKFAGLVKDFNCEDIISRK
EQRKMDAFIQYGIVAGVQAMQDSGLEITEENATRIGAAIGSGIGGLGLIEENHTSLMNGGPRKISPFFVPSTIVNMVAGH
LTIMYGLRGPSISIATAATSGVHNIGHAARIIAYGDADVMVAGGAEKASTPLGVGGFGAARALSTRNDNPQAASRPWDKE
RDGFVLGDGAGMLVLEEYEHAKKRGAKIYAELVGFGMSSDAYHMTSPPENGAGAALAMANALRDAGIEASQIGYVNAHGT
STPAGDKAEAQAVKTIFGEAASRVLVSSTKSMTGHLLGAAGAVESIYSILALRDQAVPPTINLDNPDEGCDLDFVPHEAR
QVSGMEYTLCNSFGFGGTNGSLIFKKI
;
_entity_poly.pdbx_strand_id   A
#
# COMPACT_ATOMS: atom_id res chain seq x y z
N LYS A 17 -12.79 16.06 20.78
CA LYS A 17 -11.81 15.07 20.30
C LYS A 17 -12.20 14.70 18.87
N ARG A 18 -11.29 14.89 17.93
CA ARG A 18 -11.63 14.72 16.54
C ARG A 18 -11.44 13.33 16.00
N ARG A 19 -12.54 12.74 15.51
CA ARG A 19 -12.50 11.41 14.92
C ARG A 19 -12.24 11.56 13.43
N VAL A 20 -11.63 10.54 12.84
CA VAL A 20 -11.27 10.54 11.42
C VAL A 20 -11.96 9.35 10.72
N VAL A 21 -12.65 9.63 9.62
CA VAL A 21 -13.32 8.57 8.86
C VAL A 21 -12.80 8.60 7.43
N VAL A 22 -13.11 7.56 6.65
CA VAL A 22 -12.71 7.44 5.27
C VAL A 22 -13.91 7.71 4.40
N THR A 23 -13.79 8.68 3.50
CA THR A 23 -14.94 9.09 2.70
C THR A 23 -14.76 8.98 1.21
N GLY A 24 -13.61 8.49 0.75
CA GLY A 24 -13.36 8.35 -0.68
C GLY A 24 -12.21 7.39 -0.89
N LEU A 25 -12.28 6.61 -1.97
CA LEU A 25 -11.25 5.61 -2.31
C LEU A 25 -10.85 5.68 -3.78
N GLY A 26 -9.57 5.42 -4.06
CA GLY A 26 -9.05 5.43 -5.43
C GLY A 26 -7.95 4.38 -5.54
N MET A 27 -7.84 3.69 -6.67
CA MET A 27 -6.85 2.61 -6.75
C MET A 27 -6.55 2.12 -8.13
N LEU A 28 -5.28 1.79 -8.35
CA LEU A 28 -4.81 1.17 -9.58
C LEU A 28 -3.99 0.02 -9.03
N SER A 29 -4.26 -1.20 -9.49
CA SER A 29 -3.51 -2.36 -8.99
C SER A 29 -3.33 -3.38 -10.12
N PRO A 30 -2.53 -4.41 -9.86
CA PRO A 30 -2.31 -5.38 -10.95
C PRO A 30 -3.58 -6.21 -11.25
N VAL A 31 -4.58 -6.13 -10.37
CA VAL A 31 -5.84 -6.90 -10.57
C VAL A 31 -7.04 -6.00 -10.90
N GLY A 32 -6.78 -4.73 -11.19
CA GLY A 32 -7.86 -3.83 -11.57
C GLY A 32 -7.54 -2.35 -11.50
N ASN A 33 -8.21 -1.56 -12.34
CA ASN A 33 -7.98 -0.13 -12.41
C ASN A 33 -9.00 0.74 -11.72
N THR A 34 -9.77 0.12 -10.83
CA THR A 34 -10.70 0.85 -9.99
C THR A 34 -10.71 0.11 -8.66
N VAL A 35 -11.31 0.71 -7.65
CA VAL A 35 -11.44 0.09 -6.33
C VAL A 35 -12.30 -1.18 -6.37
N GLU A 36 -13.51 -1.05 -6.91
CA GLU A 36 -14.42 -2.21 -6.97
C GLU A 36 -13.96 -3.38 -7.85
N SER A 37 -13.37 -3.10 -9.01
CA SER A 37 -12.87 -4.17 -9.85
C SER A 37 -11.70 -4.89 -9.20
N THR A 38 -10.83 -4.12 -8.53
CA THR A 38 -9.71 -4.73 -7.83
C THR A 38 -10.25 -5.63 -6.71
N TRP A 39 -11.18 -5.12 -5.92
CA TRP A 39 -11.74 -5.89 -4.80
C TRP A 39 -12.46 -7.15 -5.28
N LYS A 40 -13.19 -7.04 -6.38
CA LYS A 40 -13.87 -8.23 -6.92
C LYS A 40 -12.84 -9.32 -7.27
N ALA A 41 -11.74 -8.93 -7.90
CA ALA A 41 -10.71 -9.89 -8.31
C ALA A 41 -10.05 -10.55 -7.13
N LEU A 42 -9.83 -9.79 -6.07
CA LEU A 42 -9.20 -10.31 -4.84
C LEU A 42 -10.09 -11.33 -4.12
N LEU A 43 -11.38 -11.04 -3.98
CA LEU A 43 -12.29 -12.00 -3.34
C LEU A 43 -12.39 -13.29 -4.19
N ALA A 44 -12.15 -13.19 -5.49
CA ALA A 44 -12.17 -14.31 -6.43
C ALA A 44 -10.83 -15.06 -6.54
N GLY A 45 -9.83 -14.64 -5.77
CA GLY A 45 -8.51 -15.27 -5.74
C GLY A 45 -7.71 -15.15 -7.03
N GLN A 46 -8.00 -14.11 -7.83
CA GLN A 46 -7.30 -13.93 -9.11
C GLN A 46 -5.90 -13.32 -8.90
N SER A 47 -4.93 -13.80 -9.67
CA SER A 47 -3.57 -13.29 -9.60
C SER A 47 -3.39 -12.20 -10.63
N GLY A 48 -2.64 -11.17 -10.30
CA GLY A 48 -2.39 -10.11 -11.27
C GLY A 48 -0.96 -10.16 -11.78
N ILE A 49 -0.25 -11.22 -11.45
CA ILE A 49 1.15 -11.38 -11.88
C ILE A 49 1.32 -11.88 -13.31
N SER A 50 2.21 -11.25 -14.08
CA SER A 50 2.49 -11.73 -15.39
C SER A 50 3.95 -11.46 -15.79
N LEU A 51 4.34 -11.99 -16.94
CA LEU A 51 5.67 -11.81 -17.49
C LEU A 51 5.88 -10.37 -17.96
N ILE A 52 7.07 -9.84 -17.68
CA ILE A 52 7.34 -8.47 -18.07
C ILE A 52 7.59 -8.43 -19.58
N ASP A 53 7.10 -7.39 -20.24
CA ASP A 53 7.35 -7.23 -21.67
C ASP A 53 7.93 -5.90 -22.07
N HIS A 54 7.91 -4.93 -21.16
CA HIS A 54 8.34 -3.56 -21.52
C HIS A 54 9.86 -3.32 -21.48
N PHE A 55 10.61 -4.32 -21.03
CA PHE A 55 12.05 -4.32 -21.13
C PHE A 55 12.56 -5.76 -21.34
N ASP A 56 13.72 -5.90 -21.98
CA ASP A 56 14.31 -7.20 -22.23
C ASP A 56 14.79 -7.85 -20.91
N THR A 57 14.11 -8.90 -20.48
CA THR A 57 14.41 -9.56 -19.21
C THR A 57 15.39 -10.76 -19.38
N SER A 58 15.96 -10.95 -20.57
CA SER A 58 16.86 -12.11 -20.80
C SER A 58 17.88 -12.31 -19.69
N ALA A 59 18.60 -11.24 -19.32
CA ALA A 59 19.64 -11.32 -18.29
C ALA A 59 19.17 -11.26 -16.84
N TYR A 60 17.86 -11.04 -16.62
CA TYR A 60 17.31 -10.93 -15.27
C TYR A 60 16.91 -12.26 -14.62
N ALA A 61 17.27 -12.41 -13.36
CA ALA A 61 16.88 -13.61 -12.66
C ALA A 61 15.37 -13.66 -12.48
N THR A 62 14.72 -12.50 -12.34
CA THR A 62 13.26 -12.41 -12.14
C THR A 62 12.68 -11.78 -13.39
N LYS A 63 11.67 -12.41 -13.99
CA LYS A 63 11.20 -11.90 -15.28
C LYS A 63 9.72 -11.59 -15.31
N PHE A 64 9.14 -11.47 -14.13
CA PHE A 64 7.71 -11.22 -14.02
C PHE A 64 7.43 -10.21 -12.91
N ALA A 65 6.23 -9.66 -12.91
CA ALA A 65 5.83 -8.71 -11.86
C ALA A 65 4.32 -8.49 -11.95
N GLY A 66 3.74 -7.77 -10.99
CA GLY A 66 2.33 -7.41 -11.04
C GLY A 66 2.23 -6.04 -11.71
N LEU A 67 1.85 -6.03 -12.98
CA LEU A 67 1.75 -4.79 -13.72
C LEU A 67 0.34 -4.21 -13.75
N VAL A 68 0.25 -2.90 -13.93
CA VAL A 68 -1.04 -2.22 -14.12
C VAL A 68 -1.35 -2.42 -15.60
N LYS A 69 -2.47 -3.06 -15.90
CA LYS A 69 -2.83 -3.29 -17.31
C LYS A 69 -3.61 -2.13 -17.90
N ASP A 70 -3.25 -1.76 -19.12
CA ASP A 70 -3.92 -0.68 -19.86
C ASP A 70 -4.18 0.59 -19.04
N PHE A 71 -3.15 1.09 -18.38
CA PHE A 71 -3.25 2.34 -17.65
C PHE A 71 -3.69 3.40 -18.63
N ASN A 72 -4.63 4.25 -18.20
CA ASN A 72 -5.13 5.32 -19.05
C ASN A 72 -5.33 6.61 -18.25
N CYS A 73 -4.69 7.71 -18.68
CA CYS A 73 -4.89 8.96 -17.98
C CYS A 73 -5.31 10.09 -18.95
N GLU A 74 -5.61 9.73 -20.19
CA GLU A 74 -5.96 10.71 -21.23
C GLU A 74 -6.87 11.86 -20.85
N ASP A 75 -7.94 11.52 -20.15
CA ASP A 75 -8.93 12.49 -19.70
C ASP A 75 -8.58 13.18 -18.36
N ILE A 76 -7.52 12.72 -17.71
CA ILE A 76 -7.19 13.20 -16.37
C ILE A 76 -5.96 14.09 -16.31
N ILE A 77 -4.93 13.73 -17.08
CA ILE A 77 -3.69 14.49 -17.11
C ILE A 77 -3.47 14.96 -18.54
N SER A 78 -3.27 16.26 -18.72
CA SER A 78 -3.05 16.81 -20.06
C SER A 78 -1.79 16.23 -20.69
N ARG A 79 -1.68 16.30 -22.01
CA ARG A 79 -0.47 15.78 -22.64
C ARG A 79 0.79 16.62 -22.35
N LYS A 80 0.57 17.92 -22.15
CA LYS A 80 1.67 18.78 -21.79
C LYS A 80 2.19 18.37 -20.40
N GLU A 81 1.30 17.92 -19.52
CA GLU A 81 1.68 17.52 -18.18
C GLU A 81 2.26 16.11 -18.06
N GLN A 82 1.74 15.16 -18.83
CA GLN A 82 2.26 13.79 -18.76
C GLN A 82 3.76 13.69 -18.96
N ARG A 83 4.28 14.47 -19.90
CA ARG A 83 5.70 14.45 -20.24
C ARG A 83 6.58 14.85 -19.04
N LYS A 84 5.97 15.48 -18.04
CA LYS A 84 6.73 15.99 -16.88
C LYS A 84 6.72 15.02 -15.68
N MET A 85 6.20 13.82 -15.86
CA MET A 85 5.98 12.90 -14.73
C MET A 85 6.40 11.48 -14.98
N ASP A 86 7.07 10.87 -13.99
CA ASP A 86 7.37 9.45 -14.07
C ASP A 86 6.04 8.72 -13.95
N ALA A 87 6.00 7.47 -14.35
CA ALA A 87 4.78 6.66 -14.24
C ALA A 87 4.20 6.63 -12.84
N PHE A 88 5.06 6.57 -11.80
CA PHE A 88 4.49 6.47 -10.46
C PHE A 88 3.63 7.68 -10.11
N ILE A 89 4.04 8.84 -10.62
CA ILE A 89 3.29 10.08 -10.37
C ILE A 89 1.96 10.01 -11.14
N GLN A 90 2.01 9.57 -12.37
CA GLN A 90 0.79 9.45 -13.19
C GLN A 90 -0.20 8.50 -12.49
N TYR A 91 0.29 7.36 -11.99
CA TYR A 91 -0.60 6.42 -11.27
C TYR A 91 -1.13 7.09 -10.04
N GLY A 92 -0.26 7.75 -9.28
CA GLY A 92 -0.75 8.35 -8.05
C GLY A 92 -1.82 9.40 -8.31
N ILE A 93 -1.62 10.21 -9.35
CA ILE A 93 -2.60 11.29 -9.67
C ILE A 93 -3.95 10.67 -10.05
N VAL A 94 -3.92 9.65 -10.93
CA VAL A 94 -5.16 9.00 -11.37
C VAL A 94 -5.91 8.42 -10.17
N ALA A 95 -5.22 7.68 -9.31
CA ALA A 95 -5.86 7.16 -8.11
C ALA A 95 -6.35 8.25 -7.15
N GLY A 96 -5.65 9.37 -7.08
CA GLY A 96 -6.04 10.48 -6.20
C GLY A 96 -7.29 11.16 -6.72
N VAL A 97 -7.35 11.33 -8.04
CA VAL A 97 -8.54 11.91 -8.67
C VAL A 97 -9.72 10.93 -8.38
N GLN A 98 -9.49 9.63 -8.57
CA GLN A 98 -10.54 8.65 -8.34
C GLN A 98 -11.08 8.86 -6.94
N ALA A 99 -10.19 8.99 -5.96
CA ALA A 99 -10.62 9.19 -4.57
C ALA A 99 -11.36 10.49 -4.32
N MET A 100 -10.87 11.59 -4.88
CA MET A 100 -11.48 12.90 -4.64
C MET A 100 -12.89 12.89 -5.26
N GLN A 101 -13.01 12.28 -6.43
CA GLN A 101 -14.29 12.20 -7.12
C GLN A 101 -15.25 11.33 -6.34
N ASP A 102 -14.75 10.24 -5.80
CA ASP A 102 -15.57 9.35 -5.01
C ASP A 102 -16.07 10.03 -3.73
N SER A 103 -15.25 10.93 -3.17
CA SER A 103 -15.64 11.58 -1.93
C SER A 103 -16.80 12.55 -2.14
N GLY A 104 -16.90 13.12 -3.33
CA GLY A 104 -17.95 14.10 -3.63
C GLY A 104 -17.68 15.46 -2.99
N LEU A 105 -16.49 15.62 -2.41
CA LEU A 105 -16.14 16.88 -1.76
C LEU A 105 -16.01 18.03 -2.74
N GLU A 106 -16.55 19.18 -2.36
CA GLU A 106 -16.45 20.37 -3.21
C GLU A 106 -15.49 21.32 -2.53
N ILE A 107 -14.41 21.66 -3.23
CA ILE A 107 -13.39 22.55 -2.68
C ILE A 107 -13.85 23.98 -2.92
N THR A 108 -13.66 24.85 -1.94
CA THR A 108 -14.02 26.27 -2.09
C THR A 108 -12.92 27.13 -1.53
N GLU A 109 -13.06 28.44 -1.74
CA GLU A 109 -12.09 29.39 -1.22
C GLU A 109 -12.04 29.25 0.29
N GLU A 110 -13.18 28.92 0.88
CA GLU A 110 -13.30 28.79 2.34
C GLU A 110 -12.67 27.51 2.84
N ASN A 111 -12.75 26.48 2.00
CA ASN A 111 -12.27 25.12 2.31
C ASN A 111 -10.80 24.86 2.07
N ALA A 112 -10.34 25.38 0.92
CA ALA A 112 -9.06 25.07 0.34
C ALA A 112 -7.93 24.96 1.36
N THR A 113 -8.02 25.83 2.34
CA THR A 113 -7.00 25.99 3.34
C THR A 113 -7.00 24.85 4.36
N ARG A 114 -8.11 24.12 4.42
CA ARG A 114 -8.29 23.04 5.39
C ARG A 114 -8.22 21.61 4.79
N ILE A 115 -7.79 21.53 3.53
CA ILE A 115 -7.69 20.26 2.83
C ILE A 115 -6.26 20.11 2.34
N GLY A 116 -5.63 18.97 2.64
CA GLY A 116 -4.25 18.71 2.24
C GLY A 116 -4.03 17.30 1.71
N ALA A 117 -2.77 16.85 1.73
CA ALA A 117 -2.39 15.55 1.19
C ALA A 117 -1.19 15.01 1.94
N ALA A 118 -1.14 13.67 2.10
CA ALA A 118 0.03 12.97 2.69
C ALA A 118 0.20 11.77 1.78
N ILE A 119 1.02 11.93 0.76
CA ILE A 119 1.23 10.90 -0.22
C ILE A 119 2.70 10.67 -0.46
N GLY A 120 3.11 9.42 -0.48
CA GLY A 120 4.50 9.08 -0.73
C GLY A 120 4.69 7.90 -1.66
N SER A 121 5.93 7.44 -1.68
CA SER A 121 6.37 6.36 -2.53
C SER A 121 7.66 5.83 -1.87
N GLY A 122 7.97 4.55 -2.06
CA GLY A 122 9.17 3.95 -1.48
C GLY A 122 10.41 4.34 -2.24
N ILE A 123 10.33 4.27 -3.57
CA ILE A 123 11.47 4.49 -4.44
C ILE A 123 11.27 5.61 -5.45
N GLY A 124 10.04 5.99 -5.74
CA GLY A 124 9.85 7.07 -6.69
C GLY A 124 10.18 6.77 -8.13
N GLY A 125 10.61 7.80 -8.86
CA GLY A 125 10.76 7.75 -10.30
C GLY A 125 11.86 6.98 -10.95
N LEU A 126 11.94 5.67 -10.71
CA LEU A 126 12.97 4.85 -11.35
C LEU A 126 13.05 4.98 -12.86
N GLY A 127 11.91 4.94 -13.53
CA GLY A 127 11.92 4.96 -14.99
C GLY A 127 12.57 6.21 -15.56
N LEU A 128 12.24 7.36 -15.00
CA LEU A 128 12.79 8.60 -15.54
C LEU A 128 14.19 8.88 -15.00
N ILE A 129 14.55 8.26 -13.88
CA ILE A 129 15.94 8.39 -13.41
C ILE A 129 16.81 7.65 -14.42
N GLU A 130 16.35 6.47 -14.84
CA GLU A 130 17.11 5.67 -15.79
C GLU A 130 17.19 6.37 -17.14
N GLU A 131 16.08 6.95 -17.57
CA GLU A 131 16.06 7.66 -18.84
C GLU A 131 17.06 8.82 -18.81
N ASN A 132 16.99 9.63 -17.76
CA ASN A 132 17.88 10.79 -17.64
C ASN A 132 19.34 10.38 -17.50
N HIS A 133 19.61 9.36 -16.69
CA HIS A 133 21.00 8.94 -16.52
C HIS A 133 21.56 8.35 -17.82
N THR A 134 20.73 7.61 -18.55
CA THR A 134 21.13 7.06 -19.87
C THR A 134 21.51 8.22 -20.80
N SER A 135 20.71 9.26 -20.78
CA SER A 135 20.90 10.45 -21.61
C SER A 135 22.24 11.14 -21.23
N LEU A 136 22.48 11.29 -19.92
CA LEU A 136 23.70 11.91 -19.43
C LEU A 136 24.90 11.10 -19.87
N MET A 137 24.84 9.80 -19.70
CA MET A 137 25.96 8.95 -20.09
C MET A 137 26.21 9.05 -21.62
N ASN A 138 25.15 9.09 -22.40
CA ASN A 138 25.25 9.11 -23.86
C ASN A 138 25.69 10.43 -24.44
N GLY A 139 25.09 11.53 -23.99
CA GLY A 139 25.38 12.85 -24.53
C GLY A 139 25.74 13.99 -23.58
N GLY A 140 26.08 13.65 -22.34
CA GLY A 140 26.45 14.66 -21.37
C GLY A 140 25.28 15.36 -20.71
N PRO A 141 25.58 16.23 -19.74
CA PRO A 141 24.53 16.88 -18.97
C PRO A 141 23.56 17.72 -19.79
N ARG A 142 23.98 18.06 -21.01
CA ARG A 142 23.16 18.84 -21.94
C ARG A 142 21.87 18.08 -22.25
N LYS A 143 21.95 16.76 -22.17
CA LYS A 143 20.81 15.89 -22.52
C LYS A 143 19.90 15.57 -21.32
N ILE A 144 20.22 16.09 -20.15
CA ILE A 144 19.33 15.86 -19.03
C ILE A 144 18.07 16.71 -19.25
N SER A 145 16.91 16.14 -18.97
CA SER A 145 15.63 16.84 -19.12
C SER A 145 15.44 17.92 -18.06
N PRO A 146 14.85 19.07 -18.44
CA PRO A 146 14.62 20.10 -17.43
C PRO A 146 13.72 19.55 -16.35
N PHE A 147 12.94 18.53 -16.68
CA PHE A 147 11.99 17.94 -15.72
C PHE A 147 12.58 16.86 -14.84
N PHE A 148 13.87 16.61 -14.96
CA PHE A 148 14.47 15.51 -14.19
C PHE A 148 14.01 15.46 -12.73
N VAL A 149 14.32 16.50 -11.97
CA VAL A 149 13.95 16.52 -10.56
C VAL A 149 12.47 16.46 -10.26
N PRO A 150 11.67 17.40 -10.78
CA PRO A 150 10.24 17.29 -10.44
C PRO A 150 9.49 16.10 -11.04
N SER A 151 10.14 15.38 -11.94
CA SER A 151 9.46 14.22 -12.55
C SER A 151 9.75 12.92 -11.80
N THR A 152 10.72 12.96 -10.87
CA THR A 152 11.15 11.73 -10.17
C THR A 152 10.97 11.71 -8.67
N ILE A 153 11.08 12.88 -8.03
CA ILE A 153 11.05 12.92 -6.55
C ILE A 153 9.75 12.49 -5.92
N VAL A 154 9.87 11.90 -4.73
CA VAL A 154 8.74 11.24 -4.06
C VAL A 154 7.52 12.09 -3.78
N ASN A 155 7.74 13.36 -3.50
CA ASN A 155 6.62 14.21 -3.06
C ASN A 155 5.79 14.81 -4.20
N MET A 156 6.11 14.45 -5.44
CA MET A 156 5.47 15.08 -6.61
C MET A 156 3.99 14.67 -6.82
N VAL A 157 3.56 13.53 -6.29
CA VAL A 157 2.15 13.16 -6.40
C VAL A 157 1.33 14.15 -5.57
N ALA A 158 1.72 14.35 -4.31
CA ALA A 158 1.06 15.34 -3.46
C ALA A 158 1.09 16.73 -4.14
N GLY A 159 2.21 17.09 -4.74
CA GLY A 159 2.35 18.40 -5.36
C GLY A 159 1.37 18.58 -6.53
N HIS A 160 1.31 17.61 -7.43
CA HIS A 160 0.39 17.75 -8.57
C HIS A 160 -1.07 17.76 -8.12
N LEU A 161 -1.41 16.90 -7.18
CA LEU A 161 -2.81 16.81 -6.76
C LEU A 161 -3.26 18.09 -6.05
N THR A 162 -2.36 18.71 -5.28
CA THR A 162 -2.76 19.94 -4.58
C THR A 162 -3.01 21.03 -5.59
N ILE A 163 -2.17 21.07 -6.62
CA ILE A 163 -2.30 22.09 -7.64
C ILE A 163 -3.56 21.82 -8.45
N MET A 164 -3.77 20.58 -8.84
CA MET A 164 -4.96 20.22 -9.62
C MET A 164 -6.27 20.56 -8.92
N TYR A 165 -6.36 20.31 -7.61
CA TYR A 165 -7.58 20.56 -6.85
C TYR A 165 -7.62 21.87 -6.08
N GLY A 166 -6.53 22.64 -6.13
CA GLY A 166 -6.47 23.89 -5.37
C GLY A 166 -6.39 23.69 -3.86
N LEU A 167 -5.71 22.62 -3.43
CA LEU A 167 -5.63 22.31 -2.00
C LEU A 167 -4.49 23.13 -1.39
N ARG A 168 -4.79 23.87 -0.34
CA ARG A 168 -3.77 24.72 0.25
C ARG A 168 -3.39 24.33 1.67
N GLY A 169 -3.98 23.25 2.19
CA GLY A 169 -3.66 22.80 3.53
C GLY A 169 -2.31 22.04 3.53
N PRO A 170 -1.98 21.40 4.65
CA PRO A 170 -0.70 20.70 4.82
C PRO A 170 -0.50 19.64 3.76
N SER A 171 0.71 19.58 3.22
CA SER A 171 1.10 18.48 2.34
C SER A 171 2.44 17.93 2.79
N ILE A 172 2.48 16.61 3.02
CA ILE A 172 3.71 15.93 3.37
C ILE A 172 3.80 14.67 2.53
N SER A 173 4.97 14.06 2.50
CA SER A 173 5.16 12.83 1.77
C SER A 173 6.14 12.00 2.56
N ILE A 174 5.67 10.88 3.11
CA ILE A 174 6.54 9.98 3.87
C ILE A 174 7.04 8.88 2.95
N ALA A 175 8.36 8.70 2.92
CA ALA A 175 9.00 7.67 2.12
C ALA A 175 9.73 6.75 3.10
N THR A 176 9.07 5.65 3.50
CA THR A 176 9.63 4.66 4.45
C THR A 176 9.57 3.26 3.79
N ALA A 177 9.98 3.17 2.53
CA ALA A 177 9.98 1.93 1.79
C ALA A 177 8.57 1.35 1.88
N ALA A 178 8.45 0.04 2.16
CA ALA A 178 7.14 -0.60 2.18
C ALA A 178 6.22 -0.14 3.27
N THR A 179 6.74 0.65 4.21
CA THR A 179 5.85 1.17 5.25
C THR A 179 5.15 2.46 4.84
N SER A 180 5.54 3.06 3.70
CA SER A 180 5.05 4.39 3.31
C SER A 180 3.54 4.59 3.34
N GLY A 181 2.81 3.69 2.70
CA GLY A 181 1.36 3.86 2.63
C GLY A 181 0.69 3.94 3.97
N VAL A 182 1.11 3.07 4.89
CA VAL A 182 0.54 3.10 6.23
C VAL A 182 0.96 4.39 6.94
N HIS A 183 2.23 4.79 6.84
CA HIS A 183 2.67 6.00 7.55
C HIS A 183 1.92 7.23 7.03
N ASN A 184 1.81 7.31 5.72
CA ASN A 184 1.15 8.49 5.15
C ASN A 184 -0.31 8.56 5.56
N ILE A 185 -1.00 7.42 5.53
CA ILE A 185 -2.39 7.38 5.99
C ILE A 185 -2.48 7.73 7.47
N GLY A 186 -1.62 7.12 8.30
CA GLY A 186 -1.60 7.35 9.73
C GLY A 186 -1.31 8.80 10.07
N HIS A 187 -0.31 9.42 9.45
CA HIS A 187 -0.01 10.83 9.74
C HIS A 187 -1.01 11.84 9.19
N ALA A 188 -1.69 11.47 8.12
CA ALA A 188 -2.77 12.33 7.59
C ALA A 188 -3.87 12.38 8.66
N ALA A 189 -4.14 11.22 9.25
CA ALA A 189 -5.15 11.13 10.32
C ALA A 189 -4.69 11.99 11.50
N ARG A 190 -3.44 11.84 11.89
CA ARG A 190 -2.92 12.63 13.03
C ARG A 190 -3.10 14.11 12.75
N ILE A 191 -2.75 14.52 11.52
CA ILE A 191 -2.85 15.93 11.11
C ILE A 191 -4.28 16.44 11.27
N ILE A 192 -5.24 15.63 10.86
CA ILE A 192 -6.66 16.02 10.99
C ILE A 192 -7.03 16.02 12.45
N ALA A 193 -6.68 14.97 13.14
CA ALA A 193 -7.05 14.89 14.54
C ALA A 193 -6.41 16.00 15.36
N TYR A 194 -5.23 16.47 14.95
CA TYR A 194 -4.52 17.52 15.69
C TYR A 194 -5.24 18.82 15.48
N GLY A 195 -5.85 18.99 14.32
CA GLY A 195 -6.59 20.20 14.00
C GLY A 195 -5.99 20.96 12.83
N ASP A 196 -4.91 20.44 12.23
CA ASP A 196 -4.27 21.18 11.13
C ASP A 196 -4.99 21.04 9.78
N ALA A 197 -6.01 20.19 9.73
CA ALA A 197 -6.75 19.98 8.49
C ALA A 197 -8.08 19.34 8.83
N ASP A 198 -9.04 19.42 7.91
CA ASP A 198 -10.32 18.72 8.13
C ASP A 198 -10.38 17.53 7.16
N VAL A 199 -9.61 17.63 6.07
CA VAL A 199 -9.60 16.61 5.02
C VAL A 199 -8.20 16.40 4.53
N MET A 200 -7.86 15.15 4.21
CA MET A 200 -6.54 14.89 3.62
C MET A 200 -6.70 13.76 2.62
N VAL A 201 -6.09 13.87 1.45
CA VAL A 201 -5.99 12.77 0.51
C VAL A 201 -4.63 12.12 0.87
N ALA A 202 -4.64 10.84 1.19
CA ALA A 202 -3.45 10.13 1.67
C ALA A 202 -3.25 8.78 0.97
N GLY A 203 -2.01 8.36 0.81
CA GLY A 203 -1.78 7.08 0.16
C GLY A 203 -0.37 6.94 -0.33
N GLY A 204 -0.18 6.15 -1.39
CA GLY A 204 1.13 5.91 -1.94
C GLY A 204 1.01 5.44 -3.37
N ALA A 205 2.10 5.57 -4.10
CA ALA A 205 2.13 5.19 -5.50
C ALA A 205 3.52 4.64 -5.77
N GLU A 206 3.60 3.65 -6.65
CA GLU A 206 4.86 3.01 -7.00
C GLU A 206 4.84 2.41 -8.38
N LYS A 207 5.96 2.54 -9.08
CA LYS A 207 6.15 1.86 -10.37
C LYS A 207 7.64 1.48 -10.46
N ALA A 208 8.00 0.46 -9.70
CA ALA A 208 9.38 0.01 -9.59
C ALA A 208 9.73 -1.20 -10.48
N SER A 209 8.84 -1.55 -11.41
CA SER A 209 9.09 -2.65 -12.33
C SER A 209 9.92 -2.16 -13.51
N THR A 210 11.17 -1.78 -13.21
CA THR A 210 12.09 -1.28 -14.21
C THR A 210 13.41 -2.05 -14.04
N PRO A 211 14.34 -1.87 -14.97
CA PRO A 211 15.65 -2.55 -14.88
C PRO A 211 16.31 -2.37 -13.50
N LEU A 212 16.31 -1.15 -12.96
CA LEU A 212 16.88 -0.90 -11.62
C LEU A 212 16.07 -1.51 -10.49
N GLY A 213 14.74 -1.42 -10.55
CA GLY A 213 13.89 -2.00 -9.51
C GLY A 213 14.00 -3.52 -9.51
N VAL A 214 13.78 -4.13 -10.69
CA VAL A 214 13.88 -5.60 -10.81
C VAL A 214 15.35 -6.08 -10.61
N GLY A 215 16.27 -5.42 -11.26
CA GLY A 215 17.66 -5.79 -11.11
C GLY A 215 18.17 -5.52 -9.70
N GLY A 216 17.72 -4.43 -9.08
CA GLY A 216 18.18 -4.01 -7.74
C GLY A 216 17.70 -4.88 -6.61
N PHE A 217 16.40 -5.18 -6.61
CA PHE A 217 15.87 -6.06 -5.59
C PHE A 217 16.37 -7.50 -5.89
N GLY A 218 16.58 -7.83 -7.15
CA GLY A 218 17.15 -9.11 -7.57
C GLY A 218 18.57 -9.27 -7.00
N ALA A 219 19.38 -8.19 -7.06
CA ALA A 219 20.76 -8.19 -6.54
C ALA A 219 20.82 -8.45 -5.05
N ALA A 220 19.77 -8.05 -4.35
CA ALA A 220 19.63 -8.30 -2.93
C ALA A 220 19.11 -9.73 -2.60
N ARG A 221 18.85 -10.52 -3.62
CA ARG A 221 18.34 -11.89 -3.39
C ARG A 221 17.00 -11.86 -2.67
N ALA A 222 16.24 -10.80 -2.93
CA ALA A 222 14.93 -10.63 -2.28
C ALA A 222 13.71 -11.05 -3.11
N LEU A 223 13.90 -11.26 -4.41
CA LEU A 223 12.79 -11.60 -5.30
C LEU A 223 12.65 -13.10 -5.61
N SER A 224 11.41 -13.53 -5.81
CA SER A 224 11.13 -14.90 -6.25
C SER A 224 11.66 -14.96 -7.66
N THR A 225 12.21 -16.11 -8.06
CA THR A 225 12.67 -16.28 -9.43
C THR A 225 11.88 -17.43 -10.10
N ARG A 226 10.63 -17.63 -9.70
CA ARG A 226 9.84 -18.73 -10.28
C ARG A 226 9.30 -18.32 -11.60
N ASN A 227 10.17 -18.11 -12.58
CA ASN A 227 9.71 -17.63 -13.88
C ASN A 227 8.75 -18.57 -14.62
N ASP A 228 8.85 -19.86 -14.35
CA ASP A 228 8.03 -20.85 -15.04
C ASP A 228 6.59 -20.91 -14.58
N ASN A 229 6.30 -20.24 -13.46
CA ASN A 229 4.94 -20.17 -12.96
C ASN A 229 4.72 -18.83 -12.20
N PRO A 230 4.74 -17.70 -12.92
CA PRO A 230 4.62 -16.40 -12.26
C PRO A 230 3.47 -16.27 -11.28
N GLN A 231 2.31 -16.86 -11.60
CA GLN A 231 1.14 -16.74 -10.71
C GLN A 231 1.22 -17.54 -9.41
N ALA A 232 2.13 -18.52 -9.35
CA ALA A 232 2.31 -19.32 -8.13
C ALA A 232 3.50 -18.80 -7.34
N ALA A 233 4.21 -17.85 -7.91
CA ALA A 233 5.42 -17.30 -7.27
C ALA A 233 5.21 -16.76 -5.85
N SER A 234 4.26 -15.83 -5.71
CA SER A 234 4.00 -15.18 -4.43
C SER A 234 3.13 -16.11 -3.62
N ARG A 235 3.72 -16.68 -2.56
CA ARG A 235 3.08 -17.72 -1.80
C ARG A 235 3.46 -17.60 -0.36
N PRO A 236 2.91 -16.58 0.34
CA PRO A 236 3.21 -16.27 1.73
C PRO A 236 2.92 -17.44 2.66
N TRP A 237 3.88 -17.72 3.54
CA TRP A 237 3.79 -18.82 4.51
C TRP A 237 3.89 -20.24 3.94
N ASP A 238 4.04 -20.35 2.61
CA ASP A 238 4.19 -21.66 1.96
C ASP A 238 5.65 -22.09 2.01
N LYS A 239 5.88 -23.38 2.24
CA LYS A 239 7.25 -23.88 2.35
C LYS A 239 8.13 -23.66 1.13
N GLU A 240 7.51 -23.57 -0.05
CA GLU A 240 8.30 -23.38 -1.24
C GLU A 240 8.54 -21.92 -1.64
N ARG A 241 8.16 -20.98 -0.77
CA ARG A 241 8.36 -19.55 -1.08
C ARG A 241 9.83 -19.19 -1.27
N ASP A 242 10.11 -18.28 -2.21
CA ASP A 242 11.48 -17.91 -2.51
C ASP A 242 11.70 -16.39 -2.71
N GLY A 243 10.94 -15.55 -2.02
CA GLY A 243 11.12 -14.10 -2.15
C GLY A 243 9.86 -13.41 -2.63
N PHE A 244 9.85 -12.07 -2.59
CA PHE A 244 8.64 -11.33 -2.97
C PHE A 244 8.52 -11.11 -4.44
N VAL A 245 7.32 -10.74 -4.84
CA VAL A 245 6.99 -10.44 -6.22
C VAL A 245 6.69 -8.94 -6.29
N LEU A 246 7.35 -8.24 -7.19
CA LEU A 246 7.19 -6.78 -7.28
C LEU A 246 5.83 -6.48 -7.95
N GLY A 247 5.08 -5.53 -7.42
CA GLY A 247 3.80 -5.08 -7.94
C GLY A 247 3.77 -3.55 -8.06
N ASP A 248 3.09 -3.04 -9.08
CA ASP A 248 2.98 -1.58 -9.31
C ASP A 248 1.55 -1.13 -9.02
N GLY A 249 1.37 0.16 -8.73
CA GLY A 249 0.02 0.68 -8.52
C GLY A 249 -0.06 1.88 -7.63
N ALA A 250 -1.25 2.15 -7.12
CA ALA A 250 -1.41 3.28 -6.22
C ALA A 250 -2.71 3.10 -5.48
N GLY A 251 -2.73 3.55 -4.23
CA GLY A 251 -3.93 3.45 -3.43
C GLY A 251 -4.07 4.81 -2.77
N MET A 252 -5.26 5.37 -2.76
CA MET A 252 -5.54 6.66 -2.11
C MET A 252 -6.86 6.64 -1.36
N LEU A 253 -6.87 7.32 -0.23
CA LEU A 253 -8.07 7.42 0.61
C LEU A 253 -8.26 8.89 0.92
N VAL A 254 -9.51 9.33 0.96
CA VAL A 254 -9.80 10.67 1.43
C VAL A 254 -10.14 10.44 2.91
N LEU A 255 -9.39 11.07 3.83
CA LEU A 255 -9.67 10.97 5.26
C LEU A 255 -10.30 12.30 5.62
N GLU A 256 -11.17 12.30 6.62
CA GLU A 256 -11.96 13.50 6.90
C GLU A 256 -12.46 13.52 8.36
N GLU A 257 -12.39 14.67 9.01
CA GLU A 257 -12.87 14.79 10.38
C GLU A 257 -14.35 14.39 10.39
N TYR A 258 -14.76 13.65 11.41
CA TYR A 258 -16.10 13.10 11.46
C TYR A 258 -17.26 14.09 11.31
N GLU A 259 -17.28 15.15 12.09
CA GLU A 259 -18.39 16.10 12.00
C GLU A 259 -18.48 16.81 10.68
N HIS A 260 -17.32 17.03 10.05
CA HIS A 260 -17.24 17.65 8.76
C HIS A 260 -17.85 16.72 7.70
N ALA A 261 -17.57 15.41 7.82
CA ALA A 261 -18.11 14.44 6.85
C ALA A 261 -19.65 14.44 6.88
N LYS A 262 -20.23 14.18 8.06
CA LYS A 262 -21.69 14.19 8.23
C LYS A 262 -22.38 15.48 7.72
N LYS A 263 -21.93 16.62 8.22
CA LYS A 263 -22.50 17.91 7.85
C LYS A 263 -22.64 18.09 6.35
N ARG A 264 -21.76 17.45 5.57
CA ARG A 264 -21.88 17.57 4.12
C ARG A 264 -22.56 16.37 3.48
N GLY A 265 -23.06 15.47 4.33
CA GLY A 265 -23.72 14.27 3.86
C GLY A 265 -22.79 13.33 3.08
N ALA A 266 -21.58 13.16 3.59
CA ALA A 266 -20.60 12.28 2.95
C ALA A 266 -20.93 10.79 3.16
N LYS A 267 -20.54 9.97 2.20
CA LYS A 267 -20.68 8.53 2.40
C LYS A 267 -19.45 8.14 3.19
N ILE A 268 -19.63 7.35 4.23
CA ILE A 268 -18.53 7.02 5.12
C ILE A 268 -18.23 5.54 5.06
N TYR A 269 -17.04 5.20 4.58
CA TYR A 269 -16.70 3.78 4.48
C TYR A 269 -16.38 3.10 5.81
N ALA A 270 -15.63 3.78 6.66
CA ALA A 270 -15.15 3.21 7.92
C ALA A 270 -14.51 4.34 8.71
N GLU A 271 -14.15 4.07 9.95
CA GLU A 271 -13.48 5.07 10.76
C GLU A 271 -12.06 4.57 10.98
N LEU A 272 -11.08 5.48 11.01
CA LEU A 272 -9.67 5.09 11.29
C LEU A 272 -9.47 5.34 12.79
N VAL A 273 -9.27 4.28 13.58
CA VAL A 273 -9.21 4.44 15.04
C VAL A 273 -7.86 4.31 15.73
N GLY A 274 -6.94 3.57 15.11
CA GLY A 274 -5.64 3.33 15.72
C GLY A 274 -4.51 3.34 14.71
N PHE A 275 -3.37 3.85 15.16
CA PHE A 275 -2.14 3.94 14.32
C PHE A 275 -0.94 3.72 15.25
N GLY A 276 -0.15 2.69 14.94
CA GLY A 276 1.02 2.32 15.72
C GLY A 276 2.28 2.26 14.87
N MET A 277 3.38 2.66 15.49
CA MET A 277 4.69 2.67 14.82
C MET A 277 5.73 1.99 15.70
N SER A 278 6.80 1.47 15.09
CA SER A 278 7.92 0.93 15.85
C SER A 278 9.11 0.78 14.93
N SER A 279 10.26 0.43 15.51
CA SER A 279 11.46 0.16 14.73
C SER A 279 12.04 -1.18 15.25
N ASP A 280 12.56 -2.02 14.35
CA ASP A 280 13.10 -3.32 14.78
C ASP A 280 14.45 -3.13 15.47
N ALA A 281 15.23 -2.13 15.02
CA ALA A 281 16.59 -1.89 15.53
C ALA A 281 17.41 -3.18 15.44
N TYR A 282 17.29 -3.87 14.31
CA TYR A 282 17.92 -5.18 14.16
C TYR A 282 18.82 -5.27 12.95
N HIS A 283 18.26 -5.23 11.75
CA HIS A 283 19.08 -5.35 10.56
C HIS A 283 18.38 -4.55 9.47
N MET A 284 19.15 -3.99 8.56
CA MET A 284 18.64 -3.11 7.51
C MET A 284 17.62 -3.76 6.57
N THR A 285 17.83 -5.04 6.25
CA THR A 285 16.97 -5.71 5.27
C THR A 285 16.32 -7.04 5.73
N SER A 286 16.25 -7.25 7.04
CA SER A 286 15.65 -8.45 7.57
C SER A 286 15.09 -8.16 8.96
N PRO A 287 13.96 -8.78 9.30
CA PRO A 287 13.39 -8.56 10.64
C PRO A 287 14.03 -9.57 11.61
N PRO A 288 13.91 -9.32 12.91
CA PRO A 288 14.44 -10.32 13.87
C PRO A 288 13.48 -11.52 13.90
N GLU A 289 14.01 -12.72 14.19
CA GLU A 289 13.18 -13.94 14.21
C GLU A 289 11.97 -13.79 15.12
N ASN A 290 12.22 -13.07 16.20
CA ASN A 290 11.28 -12.68 17.27
C ASN A 290 9.98 -12.02 16.76
N GLY A 291 10.13 -11.22 15.69
CA GLY A 291 9.06 -10.36 15.20
C GLY A 291 8.69 -9.27 16.22
N ALA A 292 9.62 -8.97 17.13
CA ALA A 292 9.33 -8.00 18.21
C ALA A 292 8.91 -6.62 17.70
N GLY A 293 9.45 -6.19 16.56
CA GLY A 293 9.13 -4.88 16.03
C GLY A 293 7.70 -4.85 15.54
N ALA A 294 7.35 -5.88 14.75
CA ALA A 294 6.00 -6.05 14.24
C ALA A 294 5.02 -6.09 15.41
N ALA A 295 5.37 -6.86 16.44
CA ALA A 295 4.49 -6.96 17.60
C ALA A 295 4.25 -5.60 18.23
N LEU A 296 5.33 -4.86 18.53
CA LEU A 296 5.19 -3.53 19.15
C LEU A 296 4.32 -2.59 18.33
N ALA A 297 4.44 -2.62 17.00
CA ALA A 297 3.61 -1.73 16.17
C ALA A 297 2.13 -2.06 16.31
N MET A 298 1.81 -3.35 16.31
CA MET A 298 0.41 -3.79 16.46
C MET A 298 -0.07 -3.42 17.85
N ALA A 299 0.76 -3.70 18.84
CA ALA A 299 0.44 -3.36 20.23
C ALA A 299 0.16 -1.86 20.34
N ASN A 300 0.97 -1.04 19.68
CA ASN A 300 0.78 0.40 19.74
C ASN A 300 -0.52 0.84 19.06
N ALA A 301 -0.85 0.23 17.94
CA ALA A 301 -2.08 0.59 17.25
C ALA A 301 -3.28 0.21 18.14
N LEU A 302 -3.23 -0.97 18.77
CA LEU A 302 -4.34 -1.40 19.64
C LEU A 302 -4.53 -0.43 20.80
N ARG A 303 -3.43 -0.03 21.43
CA ARG A 303 -3.53 0.91 22.55
C ARG A 303 -4.05 2.25 22.07
N ASP A 304 -3.63 2.65 20.87
CA ASP A 304 -4.09 3.92 20.31
C ASP A 304 -5.60 3.87 20.07
N ALA A 305 -6.09 2.72 19.61
CA ALA A 305 -7.53 2.52 19.36
C ALA A 305 -8.34 2.27 20.66
N GLY A 306 -7.65 1.89 21.75
CA GLY A 306 -8.31 1.63 23.03
C GLY A 306 -9.02 0.29 23.08
N ILE A 307 -8.53 -0.68 22.30
CA ILE A 307 -9.18 -1.98 22.22
C ILE A 307 -8.19 -3.09 22.46
N GLU A 308 -8.69 -4.31 22.60
CA GLU A 308 -7.83 -5.47 22.80
C GLU A 308 -7.69 -6.27 21.51
N ALA A 309 -6.59 -7.02 21.41
CA ALA A 309 -6.31 -7.83 20.25
C ALA A 309 -7.47 -8.76 19.87
N SER A 310 -8.24 -9.21 20.87
CA SER A 310 -9.38 -10.11 20.63
C SER A 310 -10.50 -9.47 19.80
N GLN A 311 -10.52 -8.14 19.77
CA GLN A 311 -11.55 -7.47 19.00
C GLN A 311 -11.23 -7.34 17.52
N ILE A 312 -10.01 -7.70 17.12
CA ILE A 312 -9.64 -7.62 15.71
C ILE A 312 -10.20 -8.85 15.00
N GLY A 313 -10.92 -8.66 13.89
CA GLY A 313 -11.40 -9.81 13.16
C GLY A 313 -10.49 -10.33 12.05
N TYR A 314 -9.71 -9.43 11.44
CA TYR A 314 -8.90 -9.79 10.27
C TYR A 314 -7.67 -8.86 10.23
N VAL A 315 -6.52 -9.46 9.93
CA VAL A 315 -5.26 -8.75 9.85
C VAL A 315 -4.85 -8.90 8.41
N ASN A 316 -4.69 -7.79 7.70
CA ASN A 316 -4.16 -7.85 6.34
C ASN A 316 -2.67 -7.71 6.59
N ALA A 317 -1.95 -8.82 6.43
CA ALA A 317 -0.54 -8.89 6.75
C ALA A 317 0.41 -8.18 5.79
N HIS A 318 1.61 -7.94 6.27
CA HIS A 318 2.64 -7.43 5.40
C HIS A 318 2.95 -8.62 4.46
N GLY A 319 3.11 -9.82 5.03
CA GLY A 319 3.32 -11.07 4.28
C GLY A 319 3.77 -10.99 2.83
N THR A 320 5.06 -10.72 2.64
CA THR A 320 5.63 -10.52 1.34
C THR A 320 6.03 -11.76 0.57
N SER A 321 6.08 -12.91 1.24
CA SER A 321 6.50 -14.17 0.60
C SER A 321 8.00 -14.41 0.64
N THR A 322 8.64 -13.90 1.69
CA THR A 322 10.07 -14.16 1.89
C THR A 322 10.18 -15.23 2.99
N PRO A 323 11.24 -16.03 2.95
CA PRO A 323 11.35 -17.04 4.00
C PRO A 323 11.34 -16.47 5.42
N ALA A 324 12.23 -15.51 5.69
CA ALA A 324 12.33 -14.94 7.05
C ALA A 324 11.28 -13.92 7.41
N GLY A 325 10.84 -13.13 6.44
CA GLY A 325 9.84 -12.11 6.71
C GLY A 325 8.51 -12.69 7.14
N ASP A 326 8.02 -13.69 6.39
CA ASP A 326 6.72 -14.29 6.75
C ASP A 326 6.74 -14.92 8.13
N LYS A 327 7.85 -15.57 8.48
CA LYS A 327 7.94 -16.22 9.78
C LYS A 327 7.92 -15.22 10.91
N ALA A 328 8.64 -14.11 10.74
CA ALA A 328 8.68 -13.09 11.80
C ALA A 328 7.30 -12.53 12.12
N GLU A 329 6.51 -12.26 11.09
CA GLU A 329 5.16 -11.69 11.34
C GLU A 329 4.21 -12.71 11.98
N ALA A 330 4.31 -13.97 11.58
CA ALA A 330 3.47 -15.03 12.17
C ALA A 330 3.82 -15.09 13.66
N GLN A 331 5.11 -14.98 14.00
CA GLN A 331 5.49 -14.95 15.42
C GLN A 331 4.90 -13.74 16.15
N ALA A 332 4.99 -12.57 15.52
CA ALA A 332 4.42 -11.35 16.09
C ALA A 332 2.90 -11.44 16.28
N VAL A 333 2.21 -12.04 15.32
CA VAL A 333 0.75 -12.20 15.44
C VAL A 333 0.46 -13.14 16.64
N LYS A 334 1.20 -14.24 16.72
CA LYS A 334 1.04 -15.16 17.86
C LYS A 334 1.20 -14.44 19.17
N THR A 335 2.26 -13.62 19.23
CA THR A 335 2.60 -12.86 20.43
C THR A 335 1.49 -11.91 20.87
N ILE A 336 0.93 -11.16 19.92
CA ILE A 336 -0.09 -10.16 20.25
C ILE A 336 -1.45 -10.79 20.50
N PHE A 337 -1.77 -11.79 19.71
CA PHE A 337 -3.09 -12.40 19.79
C PHE A 337 -3.24 -13.50 20.84
N GLY A 338 -2.11 -14.05 21.29
CA GLY A 338 -2.06 -15.09 22.31
C GLY A 338 -3.14 -16.15 22.13
N GLU A 339 -4.09 -16.16 23.05
CA GLU A 339 -5.24 -17.08 23.04
C GLU A 339 -6.05 -17.01 21.75
N ALA A 340 -6.43 -15.79 21.37
CA ALA A 340 -7.22 -15.56 20.17
C ALA A 340 -6.48 -15.76 18.84
N ALA A 341 -5.16 -15.96 18.90
CA ALA A 341 -4.33 -16.10 17.71
C ALA A 341 -4.95 -16.95 16.59
N SER A 342 -5.50 -18.11 16.95
CA SER A 342 -6.12 -19.00 15.97
C SER A 342 -7.51 -18.52 15.50
N ARG A 343 -8.15 -17.67 16.31
CA ARG A 343 -9.48 -17.11 16.02
C ARG A 343 -9.49 -15.88 15.08
N VAL A 344 -8.38 -15.14 15.01
CA VAL A 344 -8.33 -13.98 14.13
C VAL A 344 -7.95 -14.51 12.75
N LEU A 345 -8.51 -13.93 11.70
CA LEU A 345 -8.12 -14.33 10.35
C LEU A 345 -6.95 -13.41 9.94
N VAL A 346 -5.97 -13.99 9.25
CA VAL A 346 -4.80 -13.27 8.74
C VAL A 346 -4.68 -13.62 7.27
N SER A 347 -4.53 -12.64 6.39
CA SER A 347 -4.28 -12.99 5.00
C SER A 347 -3.33 -12.04 4.33
N SER A 348 -2.55 -12.52 3.35
CA SER A 348 -1.71 -11.62 2.61
C SER A 348 -2.25 -11.53 1.19
N THR A 349 -2.74 -10.35 0.82
CA THR A 349 -3.23 -10.13 -0.55
C THR A 349 -2.10 -9.98 -1.54
N LYS A 350 -0.85 -9.88 -1.05
CA LYS A 350 0.29 -9.84 -1.95
C LYS A 350 0.42 -11.20 -2.66
N SER A 351 -0.25 -12.23 -2.16
CA SER A 351 -0.26 -13.55 -2.88
C SER A 351 -0.87 -13.37 -4.27
N MET A 352 -1.68 -12.32 -4.46
CA MET A 352 -2.31 -12.07 -5.78
C MET A 352 -1.78 -10.82 -6.48
N THR A 353 -1.56 -9.81 -5.67
CA THR A 353 -1.22 -8.47 -6.12
C THR A 353 0.31 -8.24 -6.27
N GLY A 354 1.09 -9.02 -5.55
CA GLY A 354 2.53 -8.78 -5.54
C GLY A 354 2.73 -7.66 -4.52
N HIS A 355 3.96 -7.20 -4.39
CA HIS A 355 4.33 -6.20 -3.35
C HIS A 355 4.41 -4.82 -3.99
N LEU A 356 3.41 -3.98 -3.69
CA LEU A 356 3.32 -2.61 -4.22
C LEU A 356 4.26 -1.62 -3.50
N LEU A 357 5.14 -2.12 -2.65
CA LEU A 357 6.13 -1.30 -1.94
C LEU A 357 5.52 -0.07 -1.24
N GLY A 358 5.89 1.14 -1.68
CA GLY A 358 5.37 2.34 -0.99
C GLY A 358 3.85 2.51 -1.17
N ALA A 359 3.23 1.75 -2.08
CA ALA A 359 1.77 1.80 -2.27
C ALA A 359 1.09 0.61 -1.58
N ALA A 360 1.87 -0.38 -1.12
CA ALA A 360 1.28 -1.58 -0.52
C ALA A 360 0.39 -1.28 0.66
N GLY A 361 0.85 -0.42 1.57
CA GLY A 361 0.09 -0.11 2.77
C GLY A 361 -1.17 0.68 2.46
N ALA A 362 -1.14 1.42 1.37
CA ALA A 362 -2.30 2.20 0.89
C ALA A 362 -3.37 1.26 0.27
N VAL A 363 -3.01 0.42 -0.71
CA VAL A 363 -4.03 -0.47 -1.28
C VAL A 363 -4.52 -1.46 -0.22
N GLU A 364 -3.62 -1.90 0.64
CA GLU A 364 -3.98 -2.87 1.69
C GLU A 364 -4.89 -2.31 2.78
N SER A 365 -4.79 -1.00 3.02
CA SER A 365 -5.69 -0.33 3.95
C SER A 365 -7.08 -0.32 3.28
N ILE A 366 -7.11 -0.11 1.96
CA ILE A 366 -8.39 -0.17 1.25
C ILE A 366 -9.01 -1.55 1.43
N TYR A 367 -8.20 -2.61 1.30
CA TYR A 367 -8.72 -3.99 1.42
C TYR A 367 -9.28 -4.19 2.81
N SER A 368 -8.56 -3.65 3.78
CA SER A 368 -8.96 -3.75 5.18
C SER A 368 -10.27 -3.02 5.46
N ILE A 369 -10.52 -1.96 4.70
CA ILE A 369 -11.74 -1.18 4.88
C ILE A 369 -12.90 -1.92 4.22
N LEU A 370 -12.69 -2.38 2.99
CA LEU A 370 -13.73 -3.10 2.25
C LEU A 370 -14.12 -4.42 2.94
N ALA A 371 -13.18 -5.05 3.62
CA ALA A 371 -13.51 -6.29 4.34
C ALA A 371 -14.59 -5.99 5.39
N LEU A 372 -14.52 -4.81 5.98
CA LEU A 372 -15.49 -4.38 6.99
C LEU A 372 -16.83 -4.17 6.31
N ARG A 373 -16.83 -3.41 5.22
CA ARG A 373 -18.06 -3.14 4.51
C ARG A 373 -18.77 -4.42 4.08
N ASP A 374 -18.01 -5.33 3.47
CA ASP A 374 -18.57 -6.54 2.88
C ASP A 374 -18.61 -7.78 3.75
N GLN A 375 -18.00 -7.70 4.93
CA GLN A 375 -17.90 -8.83 5.84
C GLN A 375 -17.36 -10.04 5.10
N ALA A 376 -16.31 -9.81 4.30
CA ALA A 376 -15.69 -10.82 3.47
C ALA A 376 -14.18 -10.58 3.50
N VAL A 377 -13.42 -11.67 3.62
CA VAL A 377 -11.96 -11.59 3.77
C VAL A 377 -11.27 -12.33 2.63
N PRO A 378 -10.42 -11.64 1.85
CA PRO A 378 -9.71 -12.21 0.70
C PRO A 378 -8.67 -13.22 1.16
N PRO A 379 -8.39 -14.20 0.32
CA PRO A 379 -7.50 -15.33 0.70
C PRO A 379 -6.03 -15.06 0.51
N THR A 380 -5.21 -15.89 1.16
CA THR A 380 -3.79 -15.96 0.83
C THR A 380 -3.79 -17.10 -0.18
N ILE A 381 -3.67 -16.82 -1.49
CA ILE A 381 -3.64 -17.92 -2.47
C ILE A 381 -2.25 -18.57 -2.48
N ASN A 382 -2.14 -19.75 -3.09
CA ASN A 382 -0.87 -20.47 -3.21
C ASN A 382 -0.32 -21.06 -1.93
N LEU A 383 -1.09 -20.99 -0.85
CA LEU A 383 -0.66 -21.54 0.42
C LEU A 383 -0.90 -23.06 0.45
N ASP A 384 -0.21 -23.76 -0.44
CA ASP A 384 -0.37 -25.20 -0.59
C ASP A 384 0.15 -26.02 0.58
N ASN A 385 1.36 -25.70 1.04
CA ASN A 385 2.01 -26.43 2.12
C ASN A 385 2.64 -25.45 3.14
N PRO A 386 1.83 -24.96 4.08
CA PRO A 386 2.21 -23.98 5.11
C PRO A 386 3.39 -24.42 5.93
N ASP A 387 4.18 -23.45 6.42
CA ASP A 387 5.29 -23.75 7.32
C ASP A 387 4.72 -24.63 8.44
N GLU A 388 5.55 -25.50 9.00
CA GLU A 388 5.09 -26.42 10.04
C GLU A 388 4.36 -25.81 11.25
N GLY A 389 5.09 -25.63 12.35
CA GLY A 389 4.56 -25.14 13.62
C GLY A 389 3.56 -23.99 13.66
N CYS A 390 3.03 -23.62 12.50
CA CYS A 390 2.05 -22.51 12.36
C CYS A 390 0.66 -22.95 12.83
N ASP A 391 0.08 -22.21 13.76
CA ASP A 391 -1.24 -22.49 14.30
C ASP A 391 -2.30 -21.53 13.74
N LEU A 392 -1.85 -20.45 13.09
CA LEU A 392 -2.73 -19.40 12.55
C LEU A 392 -3.62 -19.74 11.35
N ASP A 393 -4.73 -19.02 11.25
CA ASP A 393 -5.65 -19.15 10.12
C ASP A 393 -5.31 -18.08 9.09
N PHE A 394 -4.53 -18.48 8.08
CA PHE A 394 -4.07 -17.59 7.01
C PHE A 394 -5.05 -17.49 5.84
N VAL A 395 -6.31 -17.91 6.07
CA VAL A 395 -7.33 -17.85 5.01
C VAL A 395 -6.83 -18.41 3.69
N PRO A 396 -6.25 -19.63 3.71
CA PRO A 396 -5.71 -20.18 2.47
C PRO A 396 -6.71 -20.42 1.35
N HIS A 397 -6.29 -20.14 0.12
CA HIS A 397 -7.04 -20.49 -1.06
C HIS A 397 -8.30 -19.74 -1.45
N GLU A 398 -9.26 -19.69 -0.55
CA GLU A 398 -10.60 -19.12 -0.82
C GLU A 398 -10.96 -18.00 0.16
N ALA A 399 -11.69 -17.00 -0.31
CA ALA A 399 -12.19 -15.92 0.54
C ALA A 399 -13.05 -16.53 1.63
N ARG A 400 -13.22 -15.78 2.71
CA ARG A 400 -13.97 -16.25 3.87
C ARG A 400 -15.09 -15.26 4.24
N GLN A 401 -16.27 -15.79 4.55
CA GLN A 401 -17.41 -14.97 4.98
C GLN A 401 -17.21 -14.73 6.47
N VAL A 402 -17.42 -13.50 6.96
CA VAL A 402 -17.36 -13.28 8.39
C VAL A 402 -18.69 -12.69 8.83
N SER A 403 -18.92 -12.68 10.14
CA SER A 403 -20.20 -12.21 10.64
C SER A 403 -20.31 -10.80 11.28
N GLY A 404 -19.84 -10.65 12.49
CA GLY A 404 -19.94 -9.37 13.16
C GLY A 404 -18.54 -8.82 13.38
N MET A 405 -17.80 -8.67 12.29
CA MET A 405 -16.46 -8.13 12.35
C MET A 405 -16.56 -6.61 12.45
N GLU A 406 -16.00 -6.03 13.52
CA GLU A 406 -16.04 -4.59 13.72
C GLU A 406 -14.70 -3.86 13.52
N TYR A 407 -13.60 -4.61 13.57
CA TYR A 407 -12.26 -4.03 13.46
C TYR A 407 -11.35 -4.84 12.55
N THR A 408 -10.56 -4.14 11.71
CA THR A 408 -9.57 -4.82 10.89
C THR A 408 -8.24 -4.14 11.18
N LEU A 409 -7.13 -4.86 10.96
CA LEU A 409 -5.82 -4.28 11.21
C LEU A 409 -4.97 -4.50 9.99
N CYS A 410 -4.24 -3.45 9.55
CA CYS A 410 -3.39 -3.54 8.39
C CYS A 410 -1.93 -3.33 8.80
N ASN A 411 -1.05 -4.29 8.52
CA ASN A 411 0.39 -4.17 8.78
C ASN A 411 1.20 -3.84 7.54
N SER A 412 2.26 -3.06 7.72
CA SER A 412 3.18 -2.74 6.63
C SER A 412 4.57 -2.51 7.29
N PHE A 413 5.57 -3.26 6.84
CA PHE A 413 6.93 -3.14 7.41
C PHE A 413 7.88 -2.75 6.30
N GLY A 414 9.02 -2.14 6.64
CA GLY A 414 9.90 -1.69 5.58
C GLY A 414 11.38 -1.83 5.85
N PHE A 415 12.16 -1.80 4.79
CA PHE A 415 13.64 -1.88 4.92
C PHE A 415 13.97 -0.80 5.91
N GLY A 416 15.00 -1.03 6.74
CA GLY A 416 15.34 -0.10 7.79
C GLY A 416 14.67 -0.50 9.10
N GLY A 417 13.88 -1.56 9.08
CA GLY A 417 13.24 -1.99 10.31
C GLY A 417 12.12 -1.10 10.76
N THR A 418 11.54 -0.33 9.85
CA THR A 418 10.46 0.59 10.22
C THR A 418 9.10 -0.06 10.02
N ASN A 419 8.29 -0.02 11.07
CA ASN A 419 7.01 -0.72 11.10
C ASN A 419 5.79 0.17 11.35
N GLY A 420 4.63 -0.22 10.83
CA GLY A 420 3.45 0.58 11.07
C GLY A 420 2.19 -0.31 11.01
N SER A 421 1.19 0.02 11.84
CA SER A 421 -0.07 -0.73 11.84
C SER A 421 -1.22 0.30 11.94
N LEU A 422 -2.28 0.05 11.18
CA LEU A 422 -3.47 0.88 11.19
C LEU A 422 -4.65 0.01 11.60
N ILE A 423 -5.59 0.59 12.34
CA ILE A 423 -6.79 -0.16 12.74
C ILE A 423 -8.02 0.63 12.28
N PHE A 424 -8.86 -0.05 11.51
CA PHE A 424 -10.10 0.51 11.00
C PHE A 424 -11.27 -0.10 11.77
N LYS A 425 -12.33 0.69 11.94
CA LYS A 425 -13.51 0.24 12.69
C LYS A 425 -14.74 0.41 11.81
N LYS A 426 -15.64 -0.57 11.83
CA LYS A 426 -16.83 -0.49 11.02
C LYS A 426 -17.70 0.65 11.55
N ILE A 427 -18.18 1.49 10.65
CA ILE A 427 -19.04 2.64 11.00
C ILE A 427 -18.52 3.66 12.01
#